data_7WN5
#
_entry.id   7WN5
#
_cell.length_a   50.979
_cell.length_b   63.610
_cell.length_c   72.140
_cell.angle_alpha   90.000
_cell.angle_beta   90.000
_cell.angle_gamma   90.000
#
_symmetry.space_group_name_H-M   'P 21 21 21'
#
loop_
_entity.id
_entity.type
_entity.pdbx_description
1 polymer 'Isoform 4 of Bromodomain-containing protein 2'
2 non-polymer ~{N}-[4-[2,4-bis(fluoranyl)phenoxy]-3-[2-(1~{H}-imidazol-5-yl)-5-methyl-4-oxidanylidene-furo[3,2-c]pyridin-7-yl]phenyl]ethanesulfonamide
3 non-polymer 1,2-ETHANEDIOL
4 non-polymer 'POTASSIUM ION'
5 water water
#
_entity_poly.entity_id   1
_entity_poly.type   'polypeptide(L)'
_entity_poly.pdbx_seq_one_letter_code
;EGDIHMKKGHHHHHHENLYFQGGSGKLSEQLKHCNGILKELLSKKHAAYAWPFYKPVDASALGLHDYHDIIKHPMDLSTV
KRKMENRDYRDAQEFAADVRLMFSNCYKYNPPDHDVVAMARKLQDVFEFRYAKMPD
;
_entity_poly.pdbx_strand_id   A,B
#
# COMPACT_ATOMS: atom_id res chain seq x y z
N TYR A 19 -28.59 -13.60 3.65
CA TYR A 19 -29.84 -14.00 4.40
C TYR A 19 -29.65 -14.18 5.93
N PHE A 20 -28.43 -14.52 6.35
CA PHE A 20 -28.07 -14.53 7.79
C PHE A 20 -27.91 -13.06 8.27
N GLN A 21 -27.71 -12.86 9.58
CA GLN A 21 -27.61 -11.51 10.15
C GLN A 21 -26.37 -10.77 9.57
N GLY A 22 -26.52 -9.47 9.32
CA GLY A 22 -25.40 -8.67 8.82
C GLY A 22 -24.60 -8.26 10.02
N GLY A 23 -23.31 -7.93 9.85
CA GLY A 23 -22.57 -7.39 10.98
C GLY A 23 -23.05 -6.00 11.41
N SER A 24 -22.90 -5.69 12.68
CA SER A 24 -23.07 -4.32 13.19
C SER A 24 -22.33 -4.18 14.52
N GLY A 25 -22.01 -2.96 14.88
CA GLY A 25 -21.22 -2.70 16.07
C GLY A 25 -20.47 -1.40 15.90
N LYS A 26 -19.95 -0.88 17.00
CA LYS A 26 -19.08 0.28 16.92
C LYS A 26 -17.81 -0.04 16.10
N LEU A 27 -17.23 0.97 15.47
CA LEU A 27 -15.92 0.87 14.87
C LEU A 27 -14.86 1.31 15.88
N SER A 28 -13.70 0.64 15.93
CA SER A 28 -12.56 1.11 16.69
C SER A 28 -12.15 2.52 16.21
N GLU A 29 -11.28 3.17 16.96
CA GLU A 29 -10.82 4.49 16.58
C GLU A 29 -10.11 4.47 15.18
N GLN A 30 -9.24 3.49 14.99
CA GLN A 30 -8.52 3.36 13.73
C GLN A 30 -9.50 3.05 12.57
N LEU A 31 -10.51 2.23 12.82
CA LEU A 31 -11.49 1.99 11.80
C LEU A 31 -12.38 3.21 11.49
N LYS A 32 -12.62 4.10 12.47
CA LYS A 32 -13.30 5.35 12.16
C LYS A 32 -12.46 6.17 11.22
N HIS A 33 -11.15 6.24 11.45
CA HIS A 33 -10.26 6.90 10.51
C HIS A 33 -10.40 6.31 9.10
N CYS A 34 -10.41 4.99 9.00
CA CYS A 34 -10.58 4.31 7.70
C CYS A 34 -11.95 4.64 7.09
N ASN A 35 -12.98 4.61 7.90
CA ASN A 35 -14.32 4.98 7.40
C ASN A 35 -14.34 6.42 6.85
N GLY A 36 -13.64 7.31 7.53
CA GLY A 36 -13.53 8.67 7.06
C GLY A 36 -12.85 8.77 5.70
N ILE A 37 -11.73 8.04 5.55
CA ILE A 37 -11.04 7.95 4.26
C ILE A 37 -12.02 7.44 3.19
N LEU A 38 -12.69 6.34 3.50
CA LEU A 38 -13.66 5.79 2.58
C LEU A 38 -14.69 6.82 2.10
N LYS A 39 -15.27 7.57 3.02
CA LYS A 39 -16.24 8.56 2.70
C LYS A 39 -15.62 9.60 1.77
N GLU A 40 -14.39 10.01 2.06
CA GLU A 40 -13.73 10.97 1.19
C GLU A 40 -13.52 10.42 -0.23
N LEU A 41 -13.08 9.15 -0.33
CA LEU A 41 -12.82 8.55 -1.64
C LEU A 41 -14.11 8.44 -2.45
N LEU A 42 -15.25 8.32 -1.77
CA LEU A 42 -16.55 8.24 -2.43
C LEU A 42 -17.23 9.60 -2.66
N SER A 43 -16.62 10.67 -2.18
CA SER A 43 -17.25 12.01 -2.16
C SER A 43 -17.08 12.72 -3.51
N LYS A 44 -17.86 13.78 -3.70
CA LYS A 44 -17.74 14.58 -4.91
C LYS A 44 -16.36 15.24 -5.09
N LYS A 45 -15.61 15.41 -4.00
CA LYS A 45 -14.28 16.00 -4.05
C LYS A 45 -13.41 15.30 -5.08
N HIS A 46 -13.49 13.96 -5.11
CA HIS A 46 -12.65 13.13 -5.92
C HIS A 46 -13.37 12.41 -7.06
N ALA A 47 -14.62 12.79 -7.36
CA ALA A 47 -15.39 12.02 -8.35
C ALA A 47 -14.81 12.03 -9.80
N ALA A 48 -14.06 13.06 -10.19
CA ALA A 48 -13.54 13.09 -11.55
C ALA A 48 -12.57 11.93 -11.88
N TYR A 49 -11.83 11.43 -10.87
CA TYR A 49 -10.91 10.34 -11.03
C TYR A 49 -11.31 9.07 -10.21
N ALA A 50 -12.27 9.16 -9.28
CA ALA A 50 -12.69 7.96 -8.52
C ALA A 50 -13.74 7.10 -9.20
N TRP A 51 -14.50 7.67 -10.13
CA TRP A 51 -15.72 7.01 -10.64
C TRP A 51 -15.47 5.64 -11.28
N PRO A 52 -14.32 5.39 -11.95
CA PRO A 52 -14.11 4.02 -12.50
C PRO A 52 -13.97 2.92 -11.43
N PHE A 53 -13.80 3.33 -10.18
CA PHE A 53 -13.65 2.43 -9.03
C PHE A 53 -14.92 2.34 -8.17
N TYR A 54 -15.99 2.97 -8.62
CA TYR A 54 -17.27 2.98 -7.86
C TYR A 54 -17.99 1.64 -7.84
N LYS A 55 -17.74 0.78 -8.83
CA LYS A 55 -18.39 -0.51 -8.91
C LYS A 55 -17.34 -1.53 -9.39
N PRO A 56 -17.63 -2.82 -9.20
CA PRO A 56 -16.68 -3.79 -9.82
C PRO A 56 -16.49 -3.55 -11.33
N VAL A 57 -15.27 -3.83 -11.81
CA VAL A 57 -14.99 -3.85 -13.22
C VAL A 57 -15.96 -4.86 -13.89
N ASP A 58 -16.76 -4.38 -14.85
CA ASP A 58 -17.71 -5.26 -15.56
C ASP A 58 -16.99 -5.73 -16.82
N ALA A 59 -16.29 -6.84 -16.70
CA ALA A 59 -15.43 -7.28 -17.79
C ALA A 59 -16.22 -7.60 -19.08
N SER A 60 -17.38 -8.26 -18.98
CA SER A 60 -18.32 -8.44 -20.13
C SER A 60 -18.61 -7.14 -20.87
N ALA A 61 -19.17 -6.17 -20.15
CA ALA A 61 -19.59 -4.93 -20.77
C ALA A 61 -18.44 -4.15 -21.43
N LEU A 62 -17.23 -4.20 -20.86
CA LEU A 62 -16.08 -3.44 -21.35
C LEU A 62 -15.24 -4.19 -22.39
N GLY A 63 -15.61 -5.44 -22.64
CA GLY A 63 -14.92 -6.32 -23.56
C GLY A 63 -13.56 -6.80 -23.06
N LEU A 64 -13.37 -6.84 -21.73
CA LEU A 64 -12.09 -7.21 -21.14
C LEU A 64 -12.09 -8.71 -20.85
N HIS A 65 -12.05 -9.51 -21.91
CA HIS A 65 -12.24 -10.96 -21.74
C HIS A 65 -11.07 -11.72 -21.08
N ASP A 66 -9.96 -11.03 -20.87
CA ASP A 66 -8.85 -11.56 -20.10
C ASP A 66 -8.79 -11.04 -18.66
N TYR A 67 -9.70 -10.15 -18.26
CA TYR A 67 -9.58 -9.49 -16.94
C TYR A 67 -9.49 -10.50 -15.78
N HIS A 68 -10.43 -11.45 -15.77
CA HIS A 68 -10.52 -12.43 -14.67
C HIS A 68 -9.48 -13.56 -14.75
N ASP A 69 -8.74 -13.64 -15.84
CA ASP A 69 -7.57 -14.52 -15.92
C ASP A 69 -6.35 -13.82 -15.32
N ILE A 70 -6.29 -12.51 -15.43
CA ILE A 70 -5.14 -11.73 -14.91
C ILE A 70 -5.36 -11.30 -13.44
N ILE A 71 -6.60 -10.93 -13.12
CA ILE A 71 -6.94 -10.41 -11.80
C ILE A 71 -7.68 -11.50 -11.01
N LYS A 72 -7.01 -12.07 -10.03
CA LYS A 72 -7.62 -13.16 -9.25
C LYS A 72 -8.54 -12.67 -8.12
N HIS A 73 -8.28 -11.48 -7.58
CA HIS A 73 -9.05 -10.93 -6.47
C HIS A 73 -9.55 -9.52 -6.83
N PRO A 74 -10.68 -9.45 -7.55
CA PRO A 74 -11.21 -8.14 -7.92
C PRO A 74 -11.58 -7.30 -6.71
N MET A 75 -11.45 -5.99 -6.80
CA MET A 75 -11.86 -5.12 -5.68
C MET A 75 -12.28 -3.75 -6.23
N ASP A 76 -13.18 -3.08 -5.51
CA ASP A 76 -13.71 -1.78 -5.90
C ASP A 76 -14.27 -1.10 -4.65
N LEU A 77 -14.53 0.19 -4.75
CA LEU A 77 -15.00 0.95 -3.59
C LEU A 77 -16.37 0.54 -3.08
N SER A 78 -17.27 0.08 -3.96
CA SER A 78 -18.59 -0.40 -3.45
C SER A 78 -18.44 -1.65 -2.57
N THR A 79 -17.47 -2.50 -2.89
CA THR A 79 -17.20 -3.68 -2.09
C THR A 79 -16.58 -3.28 -0.76
N VAL A 80 -15.62 -2.33 -0.80
CA VAL A 80 -15.03 -1.84 0.46
C VAL A 80 -16.14 -1.20 1.34
N LYS A 81 -17.01 -0.41 0.73
CA LYS A 81 -18.13 0.21 1.43
C LYS A 81 -19.04 -0.85 2.10
N ARG A 82 -19.48 -1.86 1.35
CA ARG A 82 -20.30 -2.94 1.94
C ARG A 82 -19.55 -3.64 3.06
N LYS A 83 -18.26 -3.89 2.87
CA LYS A 83 -17.50 -4.54 3.93
C LYS A 83 -17.40 -3.68 5.20
N MET A 84 -17.23 -2.37 5.04
CA MET A 84 -17.19 -1.48 6.20
C MET A 84 -18.56 -1.44 6.87
N GLU A 85 -19.60 -1.26 6.08
CA GLU A 85 -20.98 -1.21 6.65
C GLU A 85 -21.36 -2.54 7.38
N ASN A 86 -20.84 -3.65 6.86
CA ASN A 86 -21.10 -5.00 7.41
CA ASN A 86 -21.12 -4.97 7.40
C ASN A 86 -20.20 -5.35 8.57
N ARG A 87 -19.26 -4.47 8.93
CA ARG A 87 -18.28 -4.75 10.01
C ARG A 87 -17.38 -5.97 9.74
N ASP A 88 -17.05 -6.13 8.46
CA ASP A 88 -16.13 -7.16 8.02
C ASP A 88 -14.69 -6.85 8.45
N TYR A 89 -14.26 -5.60 8.41
CA TYR A 89 -12.87 -5.29 8.70
C TYR A 89 -12.63 -5.27 10.18
N ARG A 90 -11.61 -5.96 10.64
CA ARG A 90 -11.34 -6.01 12.07
C ARG A 90 -10.29 -5.03 12.45
N ASP A 91 -9.47 -4.61 11.49
CA ASP A 91 -8.49 -3.60 11.78
C ASP A 91 -8.17 -2.76 10.52
N ALA A 92 -7.42 -1.70 10.73
CA ALA A 92 -7.09 -0.74 9.68
C ALA A 92 -6.25 -1.37 8.55
N GLN A 93 -5.33 -2.29 8.92
CA GLN A 93 -4.45 -2.94 7.96
C GLN A 93 -5.27 -3.76 6.95
N GLU A 94 -6.33 -4.38 7.44
CA GLU A 94 -7.19 -5.16 6.56
C GLU A 94 -7.96 -4.29 5.56
N PHE A 95 -8.46 -3.16 6.04
CA PHE A 95 -9.07 -2.16 5.17
C PHE A 95 -8.08 -1.66 4.12
N ALA A 96 -6.89 -1.29 4.56
CA ALA A 96 -5.87 -0.74 3.64
C ALA A 96 -5.49 -1.77 2.59
N ALA A 97 -5.45 -3.03 3.00
CA ALA A 97 -5.06 -4.07 2.08
C ALA A 97 -6.05 -4.15 0.91
N ASP A 98 -7.35 -4.06 1.20
CA ASP A 98 -8.36 -4.06 0.13
C ASP A 98 -8.29 -2.82 -0.78
N VAL A 99 -8.17 -1.63 -0.19
CA VAL A 99 -8.04 -0.44 -1.03
C VAL A 99 -6.81 -0.54 -1.95
N ARG A 100 -5.69 -0.92 -1.37
CA ARG A 100 -4.48 -1.10 -2.16
C ARG A 100 -4.61 -2.16 -3.24
N LEU A 101 -5.32 -3.23 -2.95
CA LEU A 101 -5.57 -4.31 -3.91
C LEU A 101 -6.33 -3.76 -5.13
N MET A 102 -7.30 -2.90 -4.89
CA MET A 102 -8.04 -2.25 -5.95
C MET A 102 -7.08 -1.50 -6.91
N PHE A 103 -6.17 -0.73 -6.34
CA PHE A 103 -5.18 -0.03 -7.14
C PHE A 103 -4.24 -1.00 -7.88
N SER A 104 -3.71 -1.98 -7.15
CA SER A 104 -2.81 -3.01 -7.73
C SER A 104 -3.42 -3.71 -8.92
N ASN A 105 -4.70 -4.06 -8.79
CA ASN A 105 -5.38 -4.69 -9.91
C ASN A 105 -5.31 -3.81 -11.19
N CYS A 106 -5.60 -2.54 -11.00
CA CYS A 106 -5.51 -1.58 -12.05
C CYS A 106 -4.09 -1.48 -12.66
N TYR A 107 -3.06 -1.43 -11.84
CA TYR A 107 -1.70 -1.39 -12.29
C TYR A 107 -1.23 -2.66 -13.00
N LYS A 108 -1.81 -3.80 -12.63
CA LYS A 108 -1.47 -5.08 -13.21
C LYS A 108 -2.09 -5.21 -14.57
N TYR A 109 -3.37 -4.92 -14.66
CA TYR A 109 -4.13 -5.21 -15.85
C TYR A 109 -3.81 -4.26 -17.01
N ASN A 110 -3.57 -2.99 -16.69
CA ASN A 110 -3.56 -1.92 -17.67
C ASN A 110 -2.14 -1.52 -18.02
N PRO A 111 -1.93 -1.07 -19.27
CA PRO A 111 -0.61 -0.48 -19.53
C PRO A 111 -0.46 0.81 -18.75
N PRO A 112 0.79 1.16 -18.40
CA PRO A 112 0.97 2.25 -17.47
C PRO A 112 0.59 3.65 -17.99
N ASP A 113 0.34 3.79 -19.29
CA ASP A 113 -0.07 5.06 -19.89
C ASP A 113 -1.58 5.16 -20.08
N HIS A 114 -2.35 4.19 -19.60
CA HIS A 114 -3.80 4.23 -19.72
C HIS A 114 -4.38 5.35 -18.82
N ASP A 115 -5.47 5.97 -19.26
CA ASP A 115 -6.13 6.99 -18.46
C ASP A 115 -6.58 6.49 -17.10
N VAL A 116 -7.03 5.25 -17.04
CA VAL A 116 -7.56 4.70 -15.81
C VAL A 116 -6.41 4.54 -14.80
N VAL A 117 -5.21 4.26 -15.30
CA VAL A 117 -4.03 4.23 -14.41
C VAL A 117 -3.70 5.60 -13.83
N ALA A 118 -3.76 6.62 -14.65
CA ALA A 118 -3.56 7.97 -14.18
C ALA A 118 -4.55 8.32 -13.02
N MET A 119 -5.81 7.94 -13.23
CA MET A 119 -6.85 8.14 -12.22
C MET A 119 -6.58 7.36 -10.96
N ALA A 120 -6.18 6.09 -11.13
CA ALA A 120 -5.80 5.25 -9.98
C ALA A 120 -4.67 5.89 -9.16
N ARG A 121 -3.65 6.40 -9.84
CA ARG A 121 -2.51 7.02 -9.14
C ARG A 121 -2.93 8.23 -8.33
N LYS A 122 -3.82 9.03 -8.89
CA LYS A 122 -4.32 10.22 -8.22
C LYS A 122 -5.14 9.83 -6.99
N LEU A 123 -6.04 8.87 -7.19
CA LEU A 123 -6.85 8.38 -6.07
C LEU A 123 -6.00 7.75 -5.00
N GLN A 124 -4.95 7.04 -5.41
CA GLN A 124 -4.07 6.40 -4.44
C GLN A 124 -3.28 7.42 -3.65
N ASP A 125 -2.88 8.54 -4.28
CA ASP A 125 -2.19 9.60 -3.57
CA ASP A 125 -2.22 9.64 -3.56
C ASP A 125 -3.12 10.15 -2.47
N VAL A 126 -4.42 10.33 -2.78
CA VAL A 126 -5.36 10.82 -1.81
C VAL A 126 -5.42 9.82 -0.64
N PHE A 127 -5.55 8.54 -0.98
CA PHE A 127 -5.61 7.51 0.01
C PHE A 127 -4.36 7.44 0.91
N GLU A 128 -3.20 7.37 0.30
CA GLU A 128 -1.97 7.15 1.04
C GLU A 128 -1.68 8.30 1.98
N PHE A 129 -1.80 9.54 1.50
CA PHE A 129 -1.55 10.70 2.34
C PHE A 129 -2.45 10.77 3.56
N ARG A 130 -3.71 10.36 3.43
CA ARG A 130 -4.58 10.41 4.58
C ARG A 130 -4.46 9.19 5.47
N TYR A 131 -4.28 8.03 4.86
CA TYR A 131 -4.11 6.79 5.63
C TYR A 131 -2.90 6.94 6.57
N ALA A 132 -1.89 7.64 6.09
CA ALA A 132 -0.65 7.85 6.84
C ALA A 132 -0.86 8.63 8.14
N LYS A 133 -1.91 9.44 8.18
CA LYS A 133 -2.26 10.21 9.39
C LYS A 133 -3.10 9.40 10.38
N MET A 134 -2.97 8.08 10.39
CA MET A 134 -3.63 7.18 11.33
C MET A 134 -3.38 7.65 12.76
N PRO A 135 -4.45 7.90 13.52
CA PRO A 135 -4.24 8.12 14.96
C PRO A 135 -3.70 6.86 15.62
N ASP A 136 -2.74 6.99 16.52
CA ASP A 136 -2.19 5.81 17.16
C ASP A 136 -1.56 6.10 18.53
N TYR B 19 21.42 -13.61 19.04
CA TYR B 19 22.27 -14.73 19.57
C TYR B 19 21.66 -16.15 19.41
N PHE B 20 20.32 -16.24 19.38
CA PHE B 20 19.62 -17.47 18.96
C PHE B 20 19.83 -17.70 17.42
N GLN B 21 19.40 -18.85 16.91
CA GLN B 21 19.58 -19.18 15.48
C GLN B 21 18.79 -18.20 14.60
N GLY B 22 19.36 -17.85 13.44
CA GLY B 22 18.68 -16.92 12.52
C GLY B 22 17.78 -17.77 11.66
N GLY B 23 16.76 -17.16 11.05
CA GLY B 23 15.92 -17.94 10.16
C GLY B 23 16.65 -18.32 8.87
N SER B 24 16.27 -19.45 8.28
CA SER B 24 16.68 -19.80 6.92
C SER B 24 15.74 -20.85 6.36
N GLY B 25 15.72 -20.96 5.04
CA GLY B 25 14.79 -21.81 4.34
C GLY B 25 14.52 -21.23 2.97
N LYS B 26 13.95 -22.04 2.10
CA LYS B 26 13.47 -21.54 0.83
C LYS B 26 12.37 -20.47 1.01
N LEU B 27 12.31 -19.55 0.06
CA LEU B 27 11.21 -18.62 -0.06
C LEU B 27 10.12 -19.22 -0.92
N SER B 28 8.84 -18.96 -0.62
CA SER B 28 7.76 -19.31 -1.52
C SER B 28 7.89 -18.55 -2.85
N GLU B 29 7.09 -18.94 -3.84
CA GLU B 29 7.14 -18.28 -5.13
C GLU B 29 6.81 -16.77 -4.97
N GLN B 30 5.76 -16.46 -4.21
CA GLN B 30 5.37 -15.06 -4.02
C GLN B 30 6.47 -14.29 -3.25
N LEU B 31 7.08 -14.93 -2.28
CA LEU B 31 8.18 -14.25 -1.60
C LEU B 31 9.43 -14.08 -2.47
N LYS B 32 9.65 -14.94 -3.48
CA LYS B 32 10.75 -14.68 -4.42
C LYS B 32 10.45 -13.45 -5.20
N HIS B 33 9.19 -13.29 -5.63
CA HIS B 33 8.78 -12.05 -6.28
C HIS B 33 9.09 -10.84 -5.38
N CYS B 34 8.73 -10.92 -4.12
CA CYS B 34 9.01 -9.83 -3.16
C CYS B 34 10.52 -9.59 -3.03
N ASN B 35 11.28 -10.67 -2.92
CA ASN B 35 12.74 -10.53 -2.85
C ASN B 35 13.32 -9.83 -4.09
N GLY B 36 12.78 -10.14 -5.26
CA GLY B 36 13.20 -9.47 -6.47
C GLY B 36 12.92 -7.98 -6.43
N ILE B 37 11.69 -7.63 -5.97
CA ILE B 37 11.33 -6.24 -5.75
C ILE B 37 12.36 -5.56 -4.81
N LEU B 38 12.60 -6.19 -3.67
CA LEU B 38 13.55 -5.66 -2.73
C LEU B 38 14.92 -5.38 -3.36
N LYS B 39 15.46 -6.34 -4.12
CA LYS B 39 16.73 -6.14 -4.79
C LYS B 39 16.68 -4.96 -5.73
N GLU B 40 15.59 -4.84 -6.47
CA GLU B 40 15.45 -3.71 -7.35
C GLU B 40 15.42 -2.37 -6.59
N LEU B 41 14.68 -2.29 -5.49
CA LEU B 41 14.60 -1.06 -4.70
C LEU B 41 15.96 -0.69 -4.11
N LEU B 42 16.81 -1.69 -3.87
CA LEU B 42 18.16 -1.45 -3.34
C LEU B 42 19.24 -1.25 -4.42
N SER B 43 18.86 -1.37 -5.69
CA SER B 43 19.83 -1.40 -6.79
C SER B 43 20.19 0.03 -7.25
N LYS B 44 21.28 0.11 -8.00
CA LYS B 44 21.73 1.38 -8.56
C LYS B 44 20.69 2.05 -9.45
N LYS B 45 19.79 1.28 -10.05
CA LYS B 45 18.74 1.81 -10.90
C LYS B 45 17.96 2.94 -10.25
N HIS B 46 17.63 2.76 -8.96
CA HIS B 46 16.79 3.66 -8.22
C HIS B 46 17.53 4.46 -7.15
N ALA B 47 18.87 4.41 -7.13
CA ALA B 47 19.59 5.01 -6.01
C ALA B 47 19.41 6.54 -5.82
N ALA B 48 19.13 7.26 -6.91
CA ALA B 48 18.99 8.70 -6.80
C ALA B 48 17.85 9.15 -5.88
N TYR B 49 16.77 8.34 -5.79
CA TYR B 49 15.64 8.63 -4.94
C TYR B 49 15.47 7.59 -3.82
N ALA B 50 16.13 6.43 -3.86
CA ALA B 50 15.99 5.45 -2.78
C ALA B 50 16.88 5.66 -1.56
N TRP B 51 17.96 6.38 -1.71
CA TRP B 51 19.02 6.42 -0.67
C TRP B 51 18.55 6.91 0.70
N PRO B 52 17.60 7.86 0.79
CA PRO B 52 17.14 8.27 2.14
C PRO B 52 16.43 7.16 2.92
N PHE B 53 16.06 6.09 2.23
CA PHE B 53 15.40 4.92 2.80
C PHE B 53 16.32 3.72 3.02
N TYR B 54 17.62 3.91 2.78
CA TYR B 54 18.59 2.82 2.92
C TYR B 54 18.88 2.40 4.38
N LYS B 55 18.66 3.31 5.33
CA LYS B 55 18.93 3.05 6.74
CA LYS B 55 18.90 3.02 6.73
C LYS B 55 17.75 3.65 7.54
N PRO B 56 17.57 3.22 8.78
CA PRO B 56 16.58 3.93 9.63
C PRO B 56 16.82 5.44 9.65
N VAL B 57 15.73 6.22 9.71
CA VAL B 57 15.81 7.64 9.97
C VAL B 57 16.58 7.87 11.29
N ASP B 58 17.69 8.61 11.23
CA ASP B 58 18.48 8.90 12.43
C ASP B 58 17.99 10.25 12.96
N ALA B 59 16.98 10.19 13.83
CA ALA B 59 16.30 11.42 14.22
C ALA B 59 17.26 12.37 14.99
N SER B 60 18.05 11.79 15.86
CA SER B 60 19.14 12.49 16.58
C SER B 60 20.06 13.29 15.62
N ALA B 61 20.68 12.61 14.67
CA ALA B 61 21.57 13.28 13.71
C ALA B 61 20.91 14.35 12.82
N LEU B 62 19.64 14.16 12.44
CA LEU B 62 18.94 15.08 11.54
C LEU B 62 18.19 16.19 12.27
N GLY B 63 18.23 16.18 13.58
CA GLY B 63 17.55 17.15 14.42
C GLY B 63 16.03 17.01 14.44
N LEU B 64 15.52 15.80 14.18
CA LEU B 64 14.08 15.59 14.09
C LEU B 64 13.58 15.10 15.44
N HIS B 65 13.56 16.00 16.43
CA HIS B 65 13.29 15.59 17.81
C HIS B 65 11.83 15.21 18.10
N ASP B 66 10.95 15.43 17.11
CA ASP B 66 9.59 14.97 17.18
C ASP B 66 9.33 13.67 16.39
N TYR B 67 10.33 13.12 15.68
CA TYR B 67 10.07 12.01 14.75
C TYR B 67 9.42 10.80 15.47
N HIS B 68 10.02 10.39 16.59
CA HIS B 68 9.57 9.21 17.32
C HIS B 68 8.28 9.44 18.14
N ASP B 69 7.84 10.69 18.25
CA ASP B 69 6.52 11.00 18.81
C ASP B 69 5.43 10.87 17.74
N ILE B 70 5.78 11.14 16.51
CA ILE B 70 4.82 11.07 15.39
C ILE B 70 4.80 9.68 14.74
N ILE B 71 5.97 9.09 14.61
CA ILE B 71 6.12 7.78 13.94
C ILE B 71 6.28 6.69 14.97
N LYS B 72 5.27 5.88 15.15
CA LYS B 72 5.35 4.81 16.16
C LYS B 72 6.07 3.56 15.69
N HIS B 73 6.03 3.26 14.38
CA HIS B 73 6.62 2.04 13.83
C HIS B 73 7.57 2.43 12.68
N PRO B 74 8.81 2.80 13.03
CA PRO B 74 9.78 3.19 12.00
C PRO B 74 10.09 2.04 11.05
N MET B 75 10.35 2.35 9.78
CA MET B 75 10.73 1.28 8.83
C MET B 75 11.64 1.84 7.76
N ASP B 76 12.49 0.97 7.21
CA ASP B 76 13.44 1.37 6.18
C ASP B 76 13.86 0.11 5.41
N LEU B 77 14.51 0.30 4.28
CA LEU B 77 14.87 -0.83 3.43
C LEU B 77 15.91 -1.78 4.03
N SER B 78 16.82 -1.27 4.86
CA SER B 78 17.77 -2.19 5.55
C SER B 78 17.04 -3.16 6.51
N THR B 79 15.96 -2.69 7.13
CA THR B 79 15.19 -3.52 8.03
C THR B 79 14.40 -4.55 7.23
N VAL B 80 13.79 -4.12 6.12
CA VAL B 80 13.10 -5.06 5.24
C VAL B 80 14.10 -6.14 4.72
N LYS B 81 15.29 -5.72 4.33
CA LYS B 81 16.32 -6.64 3.83
C LYS B 81 16.72 -7.65 4.91
N ARG B 82 17.00 -7.18 6.13
CA ARG B 82 17.30 -8.13 7.23
C ARG B 82 16.14 -9.06 7.52
N LYS B 83 14.90 -8.57 7.48
CA LYS B 83 13.76 -9.47 7.72
C LYS B 83 13.60 -10.51 6.61
N MET B 84 13.87 -10.14 5.36
CA MET B 84 13.82 -11.10 4.26
C MET B 84 14.92 -12.13 4.40
N GLU B 85 16.13 -11.67 4.65
CA GLU B 85 17.27 -12.62 4.84
C GLU B 85 17.06 -13.59 6.05
N ASN B 86 16.41 -13.08 7.08
CA ASN B 86 16.11 -13.84 8.31
CA ASN B 86 16.17 -13.86 8.29
C ASN B 86 14.90 -14.73 8.18
N ARG B 87 14.19 -14.66 7.06
CA ARG B 87 12.95 -15.45 6.85
C ARG B 87 11.81 -15.09 7.81
N ASP B 88 11.78 -13.82 8.16
CA ASP B 88 10.72 -13.26 8.99
C ASP B 88 9.38 -13.19 8.23
N TYR B 89 9.39 -12.82 6.95
CA TYR B 89 8.11 -12.67 6.25
C TYR B 89 7.53 -14.01 5.89
N ARG B 90 6.27 -14.25 6.23
CA ARG B 90 5.65 -15.53 5.91
C ARG B 90 4.86 -15.45 4.64
N ASP B 91 4.49 -14.22 4.21
CA ASP B 91 3.79 -14.06 2.95
C ASP B 91 4.05 -12.68 2.33
N ALA B 92 3.60 -12.54 1.09
CA ALA B 92 3.84 -11.32 0.32
C ALA B 92 3.16 -10.13 0.98
N GLN B 93 1.95 -10.33 1.53
CA GLN B 93 1.17 -9.25 2.17
C GLN B 93 1.93 -8.62 3.34
N GLU B 94 2.62 -9.47 4.10
CA GLU B 94 3.41 -8.99 5.22
C GLU B 94 4.61 -8.16 4.79
N PHE B 95 5.29 -8.60 3.74
CA PHE B 95 6.36 -7.81 3.11
C PHE B 95 5.84 -6.46 2.61
N ALA B 96 4.73 -6.48 1.88
CA ALA B 96 4.18 -5.26 1.30
C ALA B 96 3.80 -4.26 2.39
N ALA B 97 3.32 -4.80 3.50
CA ALA B 97 2.88 -3.94 4.57
C ALA B 97 4.05 -3.15 5.14
N ASP B 98 5.21 -3.79 5.30
CA ASP B 98 6.41 -3.08 5.77
C ASP B 98 6.91 -2.04 4.77
N VAL B 99 6.97 -2.40 3.50
CA VAL B 99 7.43 -1.45 2.51
C VAL B 99 6.49 -0.21 2.50
N ARG B 100 5.20 -0.48 2.47
CA ARG B 100 4.22 0.59 2.53
C ARG B 100 4.29 1.42 3.79
N LEU B 101 4.54 0.78 4.94
CA LEU B 101 4.72 1.48 6.22
C LEU B 101 5.87 2.51 6.10
N MET B 102 6.95 2.09 5.48
CA MET B 102 8.07 2.98 5.26
C MET B 102 7.65 4.28 4.50
N PHE B 103 6.86 4.11 3.43
CA PHE B 103 6.36 5.26 2.69
C PHE B 103 5.37 6.08 3.53
N SER B 104 4.43 5.40 4.20
CA SER B 104 3.44 6.08 5.06
C SER B 104 4.10 6.93 6.12
N ASN B 105 5.17 6.42 6.73
CA ASN B 105 5.89 7.21 7.72
C ASN B 105 6.39 8.55 7.14
N CYS B 106 6.95 8.47 5.94
CA CYS B 106 7.42 9.63 5.25
C CYS B 106 6.29 10.63 4.96
N TYR B 107 5.16 10.13 4.48
CA TYR B 107 4.02 10.96 4.22
C TYR B 107 3.38 11.59 5.47
N LYS B 108 3.47 10.88 6.61
CA LYS B 108 2.94 11.35 7.88
C LYS B 108 3.81 12.45 8.44
N TYR B 109 5.12 12.23 8.45
CA TYR B 109 6.02 13.13 9.15
C TYR B 109 6.28 14.46 8.41
N ASN B 110 6.35 14.37 7.08
CA ASN B 110 6.88 15.46 6.27
C ASN B 110 5.78 16.24 5.62
N PRO B 111 6.01 17.54 5.38
CA PRO B 111 5.02 18.24 4.56
C PRO B 111 5.05 17.72 3.11
N PRO B 112 3.91 17.79 2.41
CA PRO B 112 3.84 17.13 1.11
C PRO B 112 4.75 17.71 0.02
N ASP B 113 5.29 18.90 0.21
CA ASP B 113 6.20 19.51 -0.74
C ASP B 113 7.68 19.25 -0.47
N HIS B 114 7.99 18.46 0.56
CA HIS B 114 9.39 18.14 0.89
C HIS B 114 10.04 17.25 -0.19
N ASP B 115 11.33 17.44 -0.43
CA ASP B 115 12.04 16.64 -1.42
C ASP B 115 12.00 15.15 -1.10
N VAL B 116 12.04 14.81 0.19
CA VAL B 116 12.06 13.41 0.58
C VAL B 116 10.71 12.77 0.24
N VAL B 117 9.64 13.57 0.30
CA VAL B 117 8.30 13.06 -0.12
C VAL B 117 8.26 12.80 -1.63
N ALA B 118 8.84 13.68 -2.42
CA ALA B 118 8.92 13.44 -3.83
C ALA B 118 9.66 12.10 -4.15
N MET B 119 10.76 11.87 -3.42
CA MET B 119 11.53 10.65 -3.55
C MET B 119 10.73 9.43 -3.16
N ALA B 120 10.01 9.53 -2.04
CA ALA B 120 9.17 8.44 -1.58
C ALA B 120 8.11 8.08 -2.62
N ARG B 121 7.46 9.09 -3.19
CA ARG B 121 6.43 8.84 -4.21
C ARG B 121 6.96 8.12 -5.43
N LYS B 122 8.16 8.50 -5.87
CA LYS B 122 8.81 7.86 -7.00
C LYS B 122 9.17 6.40 -6.68
N LEU B 123 9.78 6.20 -5.51
CA LEU B 123 10.13 4.85 -5.08
C LEU B 123 8.87 4.01 -4.92
N GLN B 124 7.80 4.59 -4.40
CA GLN B 124 6.56 3.87 -4.26
C GLN B 124 5.93 3.52 -5.58
N ASP B 125 6.07 4.36 -6.62
CA ASP B 125 5.55 4.03 -7.94
CA ASP B 125 5.60 4.02 -7.97
C ASP B 125 6.29 2.76 -8.44
N VAL B 126 7.61 2.70 -8.22
CA VAL B 126 8.36 1.51 -8.62
C VAL B 126 7.83 0.27 -7.90
N PHE B 127 7.69 0.39 -6.59
CA PHE B 127 7.21 -0.69 -5.80
C PHE B 127 5.81 -1.16 -6.24
N GLU B 128 4.89 -0.23 -6.36
CA GLU B 128 3.51 -0.59 -6.61
C GLU B 128 3.35 -1.25 -7.96
N PHE B 129 3.95 -0.67 -9.00
CA PHE B 129 3.82 -1.25 -10.33
C PHE B 129 4.36 -2.68 -10.41
N ARG B 130 5.47 -2.96 -9.72
CA ARG B 130 6.00 -4.30 -9.78
C ARG B 130 5.31 -5.27 -8.82
N TYR B 131 4.96 -4.81 -7.63
CA TYR B 131 4.24 -5.68 -6.66
C TYR B 131 2.93 -6.16 -7.30
N ALA B 132 2.32 -5.30 -8.12
CA ALA B 132 1.05 -5.63 -8.77
C ALA B 132 1.17 -6.82 -9.72
N LYS B 133 2.36 -7.04 -10.27
CA LYS B 133 2.64 -8.18 -11.16
C LYS B 133 2.93 -9.47 -10.40
N MET B 134 2.39 -9.63 -9.19
CA MET B 134 2.55 -10.84 -8.37
C MET B 134 2.12 -12.07 -9.15
N PRO B 135 2.99 -13.09 -9.24
CA PRO B 135 2.51 -14.36 -9.81
C PRO B 135 1.44 -14.98 -8.93
N ASP B 136 0.37 -15.46 -9.56
CA ASP B 136 -0.80 -15.95 -8.86
C ASP B 136 -0.66 -17.44 -8.63
#